data_3HKI
#
_entry.id   3HKI
#
_cell.length_a   231.419
_cell.length_b   50.995
_cell.length_c   80.540
_cell.angle_alpha   90.00
_cell.angle_beta   90.00
_cell.angle_gamma   90.00
#
_symmetry.space_group_name_H-M   'P 21 21 2'
#
loop_
_entity.id
_entity.type
_entity.pdbx_description
1 polymer 'Thrombin light chain'
2 polymer 'Thrombin heavy chain'
3 polymer 'Proteinase-activated receptor 1'
4 non-polymer 2-acetamido-2-deoxy-beta-D-glucopyranose
5 water water
#
loop_
_entity_poly.entity_id
_entity_poly.type
_entity_poly.pdbx_seq_one_letter_code
_entity_poly.pdbx_strand_id
1 'polypeptide(L)' FHTFFNEKTFGLGEADCGLRPLFEKKSLKDTTEKELLDSYIDGR A,D
2 'polypeptide(L)'
;IVEGWDAEKGIAPWQVMLFRKSPQELLCGASLISDRWVLTAAHCILYPPWDKNFTENDLLVRIGKHSRTRYERNVEKISM
LEKIYVHPRYNWRENLDRDIALLKLKKPVPFSDYIHPVCLPDKQTVTSLLRAGYKGRVTGWGNLRETWTTNINEIQPSVL
QVVNLPIVERPVCKASTRIRITDNMFCAGFKVNDTKRGDACEGDSGGPFVMKSPFNNRWYQMGIVSAGAGCDRKGKYGFY
THVFRLKRWIQKVIDQFG
;
B,E
3 'polypeptide(L)' SFLLRNPNDKYEPFWEDEEKN C,F
#
loop_
_chem_comp.id
_chem_comp.type
_chem_comp.name
_chem_comp.formula
NAG D-saccharide, beta linking 2-acetamido-2-deoxy-beta-D-glucopyranose 'C8 H15 N O6'
#
# COMPACT_ATOMS: atom_id res chain seq x y z
N PHE A 1 -22.34 -0.08 12.87
CA PHE A 1 -22.44 1.41 12.88
C PHE A 1 -23.76 1.80 13.54
N HIS A 2 -23.86 3.06 13.95
CA HIS A 2 -25.06 3.58 14.61
C HIS A 2 -25.34 5.03 14.19
N THR A 3 -26.40 5.22 13.41
CA THR A 3 -26.81 6.52 12.87
C THR A 3 -26.76 7.73 13.81
N PHE A 4 -27.16 8.89 13.27
CA PHE A 4 -27.17 10.18 13.98
C PHE A 4 -28.18 11.13 13.33
N PHE A 5 -28.56 10.85 12.08
CA PHE A 5 -29.50 11.72 11.40
C PHE A 5 -30.80 11.03 11.03
N ASN A 6 -31.75 11.84 10.58
CA ASN A 6 -33.06 11.40 10.15
C ASN A 6 -32.98 11.21 8.62
N GLU A 7 -33.13 9.97 8.19
CA GLU A 7 -33.11 9.62 6.79
C GLU A 7 -33.91 10.53 5.90
N LYS A 8 -35.01 11.08 6.39
CA LYS A 8 -35.82 11.92 5.51
C LYS A 8 -35.42 13.39 5.38
N THR A 9 -34.36 13.79 6.07
CA THR A 9 -33.87 15.16 5.94
C THR A 9 -32.44 15.06 5.44
N PHE A 10 -31.85 13.90 5.69
CA PHE A 10 -30.46 13.63 5.37
C PHE A 10 -30.28 12.77 4.13
N GLY A 11 -31.36 12.10 3.71
CA GLY A 11 -31.30 11.23 2.55
C GLY A 11 -30.74 9.91 2.99
N LEU A 12 -30.42 9.03 2.05
CA LEU A 12 -29.89 7.71 2.40
C LEU A 12 -28.39 7.71 2.55
N GLY A 13 -27.86 6.60 3.06
CA GLY A 13 -26.43 6.47 3.16
C GLY A 13 -25.74 6.38 4.49
N GLU A 14 -26.16 7.17 5.47
CA GLU A 14 -25.47 7.12 6.76
C GLU A 14 -25.14 5.74 7.30
N ALA A 15 -26.17 4.92 7.47
CA ALA A 15 -26.00 3.58 8.04
C ALA A 15 -24.86 2.77 7.46
N ASP A 16 -24.64 2.87 6.16
CA ASP A 16 -23.58 2.10 5.51
C ASP A 16 -22.38 3.00 5.11
N CYS A 17 -22.35 4.21 5.67
CA CYS A 17 -21.30 5.20 5.40
C CYS A 17 -19.93 4.67 5.71
N GLY A 18 -18.95 5.09 4.91
CA GLY A 18 -17.59 4.69 5.17
C GLY A 18 -17.02 3.37 4.69
N LEU A 19 -17.83 2.55 4.04
CA LEU A 19 -17.30 1.27 3.55
C LEU A 19 -17.25 1.27 2.04
N ARG A 20 -16.03 1.19 1.50
CA ARG A 20 -15.81 1.22 0.06
C ARG A 20 -16.16 -0.07 -0.65
N PRO A 21 -16.98 0.03 -1.71
CA PRO A 21 -17.43 -1.10 -2.53
C PRO A 21 -16.29 -1.90 -3.16
N LEU A 22 -15.27 -1.24 -3.66
CA LEU A 22 -14.20 -1.99 -4.32
C LEU A 22 -13.02 -2.38 -3.44
N PHE A 23 -13.08 -2.04 -2.15
CA PHE A 23 -12.00 -2.34 -1.22
C PHE A 23 -12.48 -3.06 0.02
N GLU A 24 -13.09 -2.35 0.98
CA GLU A 24 -13.58 -3.07 2.15
C GLU A 24 -14.55 -4.19 1.72
N LYS A 25 -15.73 -3.81 1.24
CA LYS A 25 -16.76 -4.77 0.79
C LYS A 25 -16.27 -5.97 -0.04
N LYS A 26 -15.08 -5.88 -0.62
CA LYS A 26 -14.52 -6.97 -1.41
C LYS A 26 -13.29 -7.62 -0.72
N SER A 27 -13.08 -7.24 0.54
CA SER A 27 -11.93 -7.71 1.31
C SER A 27 -10.66 -7.46 0.51
N LEU A 28 -10.54 -6.24 -0.01
CA LEU A 28 -9.40 -5.80 -0.79
C LEU A 28 -8.76 -4.57 -0.14
N LYS A 29 -7.51 -4.31 -0.47
CA LYS A 29 -6.81 -3.18 0.12
C LYS A 29 -6.19 -2.24 -0.90
N ASP A 30 -6.25 -0.92 -0.63
CA ASP A 30 -5.64 0.02 -1.55
C ASP A 30 -4.16 0.10 -1.24
N THR A 31 -3.39 0.47 -2.25
CA THR A 31 -1.95 0.55 -2.16
C THR A 31 -1.30 1.21 -0.97
N THR A 32 -2.03 1.96 -0.13
CA THR A 32 -1.35 2.65 0.98
C THR A 32 -2.05 2.80 2.31
N GLU A 33 -3.15 2.12 2.52
CA GLU A 33 -3.81 2.24 3.81
C GLU A 33 -2.97 1.58 4.92
N LYS A 34 -2.02 0.74 4.54
CA LYS A 34 -1.16 0.11 5.55
C LYS A 34 -0.39 1.24 6.22
N GLU A 35 0.10 2.18 5.40
CA GLU A 35 0.85 3.32 5.90
C GLU A 35 0.03 4.04 6.96
N LEU A 36 -1.24 4.26 6.67
CA LEU A 36 -2.12 4.92 7.63
C LEU A 36 -2.33 4.07 8.86
N LEU A 37 -2.54 2.77 8.66
CA LEU A 37 -2.77 1.91 9.81
C LEU A 37 -1.52 1.92 10.69
N ASP A 38 -0.38 1.62 10.08
CA ASP A 38 0.89 1.58 10.80
C ASP A 38 1.08 2.79 11.71
N SER A 39 0.69 3.98 11.25
CA SER A 39 0.87 5.19 12.05
C SER A 39 -0.11 5.32 13.21
N TYR A 40 -1.17 4.53 13.17
CA TYR A 40 -2.11 4.60 14.27
C TYR A 40 -1.47 3.79 15.39
N ILE B 1 -2.57 18.23 -5.56
CA ILE B 1 -1.79 17.54 -4.47
C ILE B 1 -0.30 17.50 -4.84
N VAL B 2 0.58 17.82 -3.90
CA VAL B 2 1.99 17.77 -4.24
C VAL B 2 2.68 16.61 -3.57
N GLU B 3 3.32 15.76 -4.38
CA GLU B 3 4.02 14.59 -3.89
C GLU B 3 3.04 13.51 -3.41
N GLY B 4 2.13 13.15 -4.30
CA GLY B 4 1.13 12.14 -4.04
C GLY B 4 1.14 11.25 -5.27
N TRP B 5 0.12 10.44 -5.45
CA TRP B 5 0.11 9.53 -6.60
C TRP B 5 -1.28 9.29 -7.16
N ASP B 6 -1.32 8.74 -8.37
CA ASP B 6 -2.57 8.42 -9.04
C ASP B 6 -3.50 7.60 -8.14
N ALA B 7 -4.71 8.08 -7.93
CA ALA B 7 -5.67 7.37 -7.09
C ALA B 7 -6.07 6.09 -7.79
N GLU B 8 -6.47 5.09 -7.02
CA GLU B 8 -6.95 3.85 -7.63
C GLU B 8 -8.43 4.06 -7.84
N LYS B 9 -8.97 3.49 -8.91
CA LYS B 9 -10.39 3.64 -9.18
C LYS B 9 -11.16 3.23 -7.96
N GLY B 10 -12.05 4.10 -7.50
CA GLY B 10 -12.86 3.79 -6.34
C GLY B 10 -12.13 3.82 -5.00
N ILE B 11 -10.94 4.42 -4.95
CA ILE B 11 -10.26 4.48 -3.66
C ILE B 11 -10.92 5.48 -2.72
N ALA B 12 -11.65 6.44 -3.29
CA ALA B 12 -12.32 7.47 -2.48
C ALA B 12 -13.66 7.80 -3.11
N PRO B 13 -14.62 6.85 -3.02
CA PRO B 13 -15.95 6.97 -3.58
C PRO B 13 -16.74 8.20 -3.14
N TRP B 14 -16.28 8.90 -2.12
CA TRP B 14 -16.97 10.11 -1.64
C TRP B 14 -16.37 11.40 -2.20
N GLN B 15 -15.37 11.29 -3.06
CA GLN B 15 -14.72 12.47 -3.61
C GLN B 15 -15.69 13.17 -4.54
N VAL B 16 -15.86 14.46 -4.36
CA VAL B 16 -16.75 15.17 -5.27
C VAL B 16 -15.97 16.31 -5.94
N MET B 17 -16.36 16.63 -7.17
CA MET B 17 -15.72 17.73 -7.88
C MET B 17 -16.69 18.89 -7.87
N LEU B 18 -16.27 20.03 -7.35
CA LEU B 18 -17.14 21.20 -7.38
C LEU B 18 -16.79 21.90 -8.71
N PHE B 19 -17.75 21.97 -9.62
CA PHE B 19 -17.51 22.50 -10.98
C PHE B 19 -18.30 23.77 -11.35
N ARG B 20 -17.59 24.77 -11.87
CA ARG B 20 -18.23 26.04 -12.28
C ARG B 20 -18.97 25.82 -13.62
N LYS B 21 -20.28 26.10 -13.68
CA LYS B 21 -21.06 25.90 -14.92
C LYS B 21 -20.56 26.65 -16.15
N SER B 22 -20.02 27.85 -15.96
CA SER B 22 -19.53 28.66 -17.07
C SER B 22 -18.83 29.91 -16.58
N PRO B 23 -17.54 30.07 -16.91
CA PRO B 23 -16.69 29.19 -17.71
C PRO B 23 -16.58 27.83 -17.04
N GLN B 24 -16.84 26.75 -17.78
CA GLN B 24 -16.69 25.41 -17.20
C GLN B 24 -15.30 25.39 -16.60
N GLU B 25 -15.23 25.11 -15.31
CA GLU B 25 -13.96 25.19 -14.61
C GLU B 25 -13.98 24.39 -13.31
N LEU B 26 -12.87 23.74 -12.99
CA LEU B 26 -12.81 22.98 -11.75
C LEU B 26 -12.53 23.96 -10.63
N LEU B 27 -13.40 24.00 -9.62
CA LEU B 27 -13.19 24.96 -8.53
C LEU B 27 -12.57 24.41 -7.27
N CYS B 28 -13.10 23.29 -6.80
CA CYS B 28 -12.63 22.76 -5.55
C CYS B 28 -12.98 21.32 -5.43
N GLY B 29 -12.50 20.73 -4.36
CA GLY B 29 -12.83 19.35 -4.08
C GLY B 29 -14.05 19.45 -3.17
N ALA B 30 -14.61 18.30 -2.81
CA ALA B 30 -15.78 18.27 -1.92
C ALA B 30 -16.01 16.80 -1.59
N SER B 31 -16.91 16.52 -0.62
CA SER B 31 -17.22 15.13 -0.23
C SER B 31 -18.72 14.84 -0.11
N LEU B 32 -19.07 13.60 -0.47
CA LEU B 32 -20.43 13.12 -0.45
C LEU B 32 -20.73 12.51 0.94
N ILE B 33 -21.63 13.09 1.72
CA ILE B 33 -21.90 12.46 3.03
C ILE B 33 -23.17 11.62 3.05
N SER B 34 -24.02 11.77 2.03
CA SER B 34 -25.27 11.02 1.92
C SER B 34 -25.70 11.17 0.47
N ASP B 35 -26.80 10.56 0.07
CA ASP B 35 -27.17 10.72 -1.33
C ASP B 35 -27.78 12.07 -1.63
N ARG B 36 -27.80 12.98 -0.66
CA ARG B 36 -28.37 14.31 -0.91
C ARG B 36 -27.52 15.46 -0.44
N TRP B 37 -26.47 15.16 0.32
CA TRP B 37 -25.63 16.23 0.89
C TRP B 37 -24.12 16.11 0.63
N VAL B 38 -23.52 17.25 0.33
CA VAL B 38 -22.10 17.34 0.03
C VAL B 38 -21.45 18.42 0.87
N LEU B 39 -20.26 18.09 1.37
CA LEU B 39 -19.48 19.01 2.18
C LEU B 39 -18.36 19.60 1.32
N THR B 40 -18.06 20.87 1.53
CA THR B 40 -16.94 21.52 0.85
C THR B 40 -16.56 22.69 1.71
N ALA B 41 -15.61 23.49 1.25
CA ALA B 41 -15.12 24.63 2.01
C ALA B 41 -15.88 25.90 1.69
N ALA B 42 -16.11 26.70 2.73
CA ALA B 42 -16.83 27.95 2.56
C ALA B 42 -16.13 28.91 1.59
N HIS B 43 -14.80 28.97 1.63
CA HIS B 43 -14.09 29.88 0.75
C HIS B 43 -14.16 29.41 -0.72
N CYS B 44 -14.66 28.19 -0.95
CA CYS B 44 -14.83 27.67 -2.30
C CYS B 44 -16.11 28.24 -2.86
N ILE B 45 -16.91 28.86 -1.99
CA ILE B 45 -18.18 29.39 -2.43
C ILE B 45 -18.31 30.89 -2.32
N LEU B 46 -17.66 31.42 -1.30
CA LEU B 46 -17.73 32.82 -1.03
C LEU B 46 -16.43 33.42 -0.59
N TYR B 47 -16.00 34.45 -1.30
CA TYR B 47 -14.77 35.18 -0.97
C TYR B 47 -14.85 36.56 -1.64
N PRO B 48 -15.54 37.50 -0.96
CA PRO B 48 -15.75 38.88 -1.38
C PRO B 48 -14.58 39.62 -2.04
N PRO B 49 -13.37 39.49 -1.49
CA PRO B 49 -12.22 40.18 -2.08
C PRO B 49 -11.96 39.84 -3.55
N TRP B 50 -12.37 38.65 -3.98
CA TRP B 50 -12.18 38.28 -5.37
C TRP B 50 -13.52 38.16 -6.06
N ASP B 51 -14.53 38.83 -5.53
CA ASP B 51 -15.82 38.81 -6.18
C ASP B 51 -16.46 37.45 -6.28
N LYS B 52 -16.18 36.59 -5.32
CA LYS B 52 -16.78 35.28 -5.37
C LYS B 52 -17.97 35.14 -4.42
N ASN B 53 -19.12 34.88 -5.00
CA ASN B 53 -20.33 34.68 -4.23
C ASN B 53 -21.28 33.85 -5.09
N PHE B 54 -21.01 32.55 -5.18
CA PHE B 54 -21.79 31.63 -5.99
C PHE B 54 -23.12 31.27 -5.37
N THR B 55 -24.09 31.04 -6.24
CA THR B 55 -25.42 30.65 -5.80
C THR B 55 -25.59 29.24 -6.35
N GLU B 56 -26.61 28.53 -5.88
CA GLU B 56 -26.84 27.16 -6.34
C GLU B 56 -26.90 27.06 -7.85
N ASN B 57 -27.19 28.18 -8.51
CA ASN B 57 -27.30 28.17 -9.96
C ASN B 57 -26.00 28.19 -10.75
N ASP B 58 -24.96 28.78 -10.19
CA ASP B 58 -23.69 28.85 -10.92
C ASP B 58 -22.85 27.58 -10.83
N LEU B 59 -23.19 26.70 -9.91
CA LEU B 59 -22.39 25.52 -9.69
C LEU B 59 -23.03 24.17 -9.98
N LEU B 60 -22.17 23.17 -9.98
CA LEU B 60 -22.58 21.81 -10.25
C LEU B 60 -21.54 20.88 -9.58
N VAL B 61 -21.88 19.62 -9.30
CA VAL B 61 -20.89 18.75 -8.70
C VAL B 61 -20.82 17.52 -9.56
N ARG B 62 -19.65 16.91 -9.64
CA ARG B 62 -19.49 15.71 -10.45
C ARG B 62 -18.97 14.67 -9.49
N ILE B 63 -19.67 13.53 -9.45
CA ILE B 63 -19.40 12.45 -8.52
C ILE B 63 -19.00 11.12 -9.14
N GLY B 64 -18.05 10.46 -8.47
CA GLY B 64 -17.58 9.17 -8.94
C GLY B 64 -16.54 9.33 -10.01
N LYS B 65 -15.83 10.45 -9.99
CA LYS B 65 -14.84 10.70 -11.02
C LYS B 65 -13.43 10.22 -10.76
N HIS B 66 -12.71 10.02 -11.86
CA HIS B 66 -11.33 9.64 -11.74
C HIS B 66 -10.50 10.60 -12.60
N SER B 67 -10.73 10.58 -13.90
CA SER B 67 -10.07 11.47 -14.83
C SER B 67 -10.55 12.90 -14.54
N ARG B 68 -9.64 13.86 -14.57
CA ARG B 68 -10.02 15.23 -14.33
C ARG B 68 -10.87 15.84 -15.44
N THR B 69 -10.55 15.53 -16.69
CA THR B 69 -11.27 16.18 -17.78
C THR B 69 -12.20 15.39 -18.63
N ARG B 70 -12.02 14.07 -18.68
CA ARG B 70 -12.89 13.26 -19.52
C ARG B 70 -14.30 13.15 -18.96
N TYR B 71 -15.23 12.81 -19.83
CA TYR B 71 -16.60 12.60 -19.41
C TYR B 71 -16.62 11.08 -19.12
N GLU B 72 -16.72 10.71 -17.85
CA GLU B 72 -16.70 9.29 -17.51
C GLU B 72 -18.09 8.65 -17.53
N ARG B 73 -18.56 8.52 -18.76
CA ARG B 73 -19.86 7.96 -19.05
C ARG B 73 -20.15 6.66 -18.34
N ASN B 74 -21.38 6.58 -17.82
CA ASN B 74 -21.81 5.39 -17.11
C ASN B 74 -21.14 5.29 -15.77
N VAL B 75 -20.14 6.12 -15.50
CA VAL B 75 -19.47 6.02 -14.22
C VAL B 75 -19.70 7.21 -13.32
N GLU B 76 -19.40 8.42 -13.80
CA GLU B 76 -19.60 9.60 -12.96
C GLU B 76 -21.05 9.95 -13.03
N LYS B 77 -21.47 10.84 -12.13
CA LYS B 77 -22.83 11.36 -12.05
C LYS B 77 -22.72 12.87 -11.87
N ILE B 78 -23.55 13.62 -12.56
CA ILE B 78 -23.54 15.07 -12.45
C ILE B 78 -24.81 15.42 -11.68
N SER B 79 -24.72 16.35 -10.74
CA SER B 79 -25.90 16.75 -9.96
C SER B 79 -25.97 18.25 -9.83
N MET B 80 -27.19 18.77 -9.93
CA MET B 80 -27.41 20.19 -9.75
C MET B 80 -27.52 20.36 -8.24
N LEU B 81 -27.45 21.61 -7.80
CA LEU B 81 -27.53 21.95 -6.39
C LEU B 81 -28.83 22.66 -6.13
N GLU B 82 -29.56 22.18 -5.13
CA GLU B 82 -30.82 22.78 -4.70
C GLU B 82 -30.54 24.03 -3.89
N LYS B 83 -29.59 23.92 -2.96
CA LYS B 83 -29.25 25.06 -2.14
C LYS B 83 -27.84 24.96 -1.58
N ILE B 84 -27.26 26.12 -1.27
CA ILE B 84 -25.93 26.15 -0.68
C ILE B 84 -25.98 26.82 0.70
N TYR B 85 -25.41 26.18 1.71
CA TYR B 85 -25.44 26.78 3.04
C TYR B 85 -24.02 27.00 3.57
N VAL B 86 -23.63 28.26 3.63
CA VAL B 86 -22.32 28.65 4.13
C VAL B 86 -22.45 28.99 5.62
N HIS B 87 -21.58 28.41 6.45
CA HIS B 87 -21.63 28.72 7.87
C HIS B 87 -21.78 30.22 8.08
N PRO B 88 -22.77 30.64 8.86
CA PRO B 88 -22.97 32.08 9.09
C PRO B 88 -21.82 32.76 9.81
N ARG B 89 -20.95 31.98 10.45
CA ARG B 89 -19.82 32.60 11.12
C ARG B 89 -18.52 32.49 10.35
N TYR B 90 -18.60 31.99 9.11
CA TYR B 90 -17.42 31.83 8.25
C TYR B 90 -16.56 33.09 8.27
N ASN B 91 -15.29 32.95 8.68
CA ASN B 91 -14.42 34.12 8.70
C ASN B 91 -13.49 34.19 7.50
N TRP B 92 -13.84 35.02 6.52
CA TRP B 92 -13.04 35.16 5.30
C TRP B 92 -12.13 36.37 5.35
N ARG B 93 -12.51 37.36 6.14
CA ARG B 93 -11.69 38.55 6.23
C ARG B 93 -10.33 38.26 6.82
N GLU B 94 -10.27 37.31 7.75
CA GLU B 94 -9.04 37.07 8.44
C GLU B 94 -8.38 35.71 8.52
N ASN B 95 -9.11 34.66 8.89
CA ASN B 95 -8.45 33.36 9.06
C ASN B 95 -9.18 32.11 8.66
N LEU B 96 -10.35 32.25 8.03
CA LEU B 96 -11.07 31.05 7.62
C LEU B 96 -11.61 30.20 8.78
N ASP B 97 -11.82 30.81 9.93
CA ASP B 97 -12.40 30.06 11.02
C ASP B 97 -13.79 29.67 10.47
N ARG B 98 -14.18 28.42 10.68
CA ARG B 98 -15.47 27.93 10.23
C ARG B 98 -15.61 27.90 8.71
N ASP B 99 -14.55 27.42 8.05
CA ASP B 99 -14.50 27.33 6.61
C ASP B 99 -15.23 26.09 6.15
N ILE B 100 -16.55 26.16 6.11
CA ILE B 100 -17.31 24.99 5.73
C ILE B 100 -18.58 25.45 5.05
N ALA B 101 -19.14 24.58 4.22
CA ALA B 101 -20.39 24.91 3.52
C ALA B 101 -21.10 23.62 3.19
N LEU B 102 -22.41 23.68 3.08
CA LEU B 102 -23.16 22.48 2.79
C LEU B 102 -23.92 22.71 1.53
N LEU B 103 -23.96 21.69 0.69
CA LEU B 103 -24.66 21.80 -0.59
C LEU B 103 -25.73 20.72 -0.63
N LYS B 104 -26.97 21.10 -0.86
CA LYS B 104 -28.04 20.10 -0.94
C LYS B 104 -28.25 19.79 -2.43
N LEU B 105 -28.25 18.51 -2.77
CA LEU B 105 -28.43 18.09 -4.14
C LEU B 105 -29.85 18.20 -4.62
N LYS B 106 -29.99 18.63 -5.86
CA LYS B 106 -31.28 18.79 -6.52
C LYS B 106 -32.06 17.48 -6.43
N LYS B 107 -31.37 16.35 -6.57
CA LYS B 107 -32.01 15.03 -6.50
C LYS B 107 -31.05 14.04 -5.88
N PRO B 108 -31.57 12.99 -5.27
CA PRO B 108 -30.63 12.04 -4.67
C PRO B 108 -29.77 11.38 -5.74
N VAL B 109 -28.52 11.07 -5.41
CA VAL B 109 -27.64 10.43 -6.37
C VAL B 109 -27.52 8.95 -6.03
N PRO B 110 -27.55 8.07 -7.06
CA PRO B 110 -27.43 6.64 -6.78
C PRO B 110 -25.99 6.33 -6.41
N PHE B 111 -25.82 5.37 -5.50
CA PHE B 111 -24.52 4.94 -5.07
C PHE B 111 -24.10 3.87 -6.07
N SER B 112 -22.81 3.51 -6.10
CA SER B 112 -22.35 2.50 -7.05
C SER B 112 -20.98 2.04 -6.59
N ASP B 113 -20.26 1.33 -7.43
CA ASP B 113 -18.92 0.95 -7.03
C ASP B 113 -18.05 2.21 -6.88
N TYR B 114 -18.44 3.31 -7.51
CA TYR B 114 -17.66 4.55 -7.49
C TYR B 114 -18.25 5.68 -6.71
N ILE B 115 -19.48 5.50 -6.26
CA ILE B 115 -20.13 6.56 -5.50
C ILE B 115 -20.66 5.97 -4.20
N HIS B 116 -20.05 6.39 -3.09
CA HIS B 116 -20.44 5.90 -1.79
C HIS B 116 -20.03 6.95 -0.76
N PRO B 117 -20.93 7.25 0.19
CA PRO B 117 -20.74 8.25 1.26
C PRO B 117 -19.65 7.95 2.26
N VAL B 118 -19.13 9.01 2.87
CA VAL B 118 -18.08 8.90 3.87
C VAL B 118 -18.74 9.25 5.19
N CYS B 119 -18.30 8.61 6.27
CA CYS B 119 -18.88 8.87 7.58
C CYS B 119 -18.37 10.12 8.21
N LEU B 120 -19.26 10.78 8.96
CA LEU B 120 -18.87 11.96 9.70
C LEU B 120 -18.34 11.35 11.03
N PRO B 121 -17.61 12.14 11.83
CA PRO B 121 -17.12 11.54 13.07
C PRO B 121 -17.96 11.91 14.29
N ASP B 122 -17.78 11.13 15.35
CA ASP B 122 -18.48 11.40 16.61
C ASP B 122 -17.38 11.64 17.63
N LYS B 123 -17.78 11.98 18.86
CA LYS B 123 -16.82 12.24 19.92
C LYS B 123 -15.75 11.18 20.02
N GLN B 124 -16.17 9.92 20.15
CA GLN B 124 -15.22 8.83 20.31
C GLN B 124 -14.23 8.74 19.16
N THR B 125 -14.73 8.86 17.93
CA THR B 125 -13.87 8.77 16.75
C THR B 125 -12.80 9.87 16.74
N VAL B 126 -13.22 11.08 17.15
CA VAL B 126 -12.31 12.21 17.23
C VAL B 126 -11.18 11.90 18.20
N THR B 127 -11.52 11.97 19.49
CA THR B 127 -10.56 11.75 20.57
C THR B 127 -9.68 10.50 20.48
N SER B 128 -10.00 9.57 19.58
CA SER B 128 -9.18 8.37 19.47
C SER B 128 -8.30 8.34 18.22
N LEU B 129 -8.73 9.04 17.16
CA LEU B 129 -7.96 9.05 15.90
C LEU B 129 -7.29 10.38 15.57
N LEU B 130 -7.92 11.48 15.96
CA LEU B 130 -7.37 12.80 15.67
C LEU B 130 -6.20 13.12 16.59
N ARG B 131 -5.05 12.51 16.33
CA ARG B 131 -3.89 12.76 17.17
C ARG B 131 -2.58 12.90 16.40
N ALA B 132 -1.72 13.76 16.91
CA ALA B 132 -0.43 14.04 16.30
C ALA B 132 0.23 12.76 15.82
N GLY B 133 0.81 12.79 14.64
CA GLY B 133 1.46 11.60 14.13
C GLY B 133 0.56 10.69 13.31
N TYR B 134 -0.69 10.51 13.73
CA TYR B 134 -1.61 9.67 12.97
C TYR B 134 -1.75 10.28 11.57
N LYS B 135 -1.65 9.45 10.55
CA LYS B 135 -1.77 9.90 9.18
C LYS B 135 -3.21 9.84 8.68
N GLY B 136 -3.59 10.87 7.93
CA GLY B 136 -4.92 10.95 7.33
C GLY B 136 -4.70 10.98 5.83
N ARG B 137 -5.76 10.92 5.04
CA ARG B 137 -5.61 10.96 3.61
C ARG B 137 -6.37 12.14 2.98
N VAL B 138 -5.75 12.81 2.02
CA VAL B 138 -6.37 13.94 1.33
C VAL B 138 -6.38 13.58 -0.14
N THR B 139 -7.49 13.83 -0.82
CA THR B 139 -7.61 13.52 -2.24
C THR B 139 -8.01 14.77 -2.99
N GLY B 140 -7.60 14.89 -4.25
CA GLY B 140 -7.93 16.08 -5.02
C GLY B 140 -7.33 16.12 -6.42
N TRP B 141 -7.78 17.11 -7.19
CA TRP B 141 -7.32 17.32 -8.55
C TRP B 141 -6.58 18.66 -8.56
N GLY B 142 -6.15 19.11 -7.38
CA GLY B 142 -5.41 20.36 -7.29
C GLY B 142 -4.12 20.24 -8.11
N ASN B 143 -3.30 21.28 -8.14
CA ASN B 143 -2.06 21.23 -8.93
C ASN B 143 -0.99 20.36 -8.29
N LEU B 144 -0.14 19.80 -9.16
CA LEU B 144 0.96 18.91 -8.79
C LEU B 144 2.16 19.62 -8.21
N ARG B 145 2.30 20.90 -8.53
CA ARG B 145 3.44 21.64 -8.04
C ARG B 145 3.21 23.14 -8.14
N GLU B 146 4.08 23.90 -7.49
CA GLU B 146 3.99 25.37 -7.56
C GLU B 146 3.98 25.74 -9.04
N THR B 147 3.45 26.92 -9.37
CA THR B 147 3.37 27.35 -10.77
C THR B 147 4.66 28.02 -11.28
N TRP B 148 4.79 28.14 -12.61
CA TRP B 148 5.93 28.84 -13.28
C TRP B 148 7.33 28.20 -13.35
N THR B 149 7.40 26.88 -13.50
CA THR B 149 8.69 26.18 -13.61
C THR B 149 8.51 24.87 -14.35
N ASN B 153 7.12 19.77 -17.72
CA ASN B 153 6.62 18.98 -16.59
C ASN B 153 5.10 18.79 -16.71
N GLU B 154 4.38 19.78 -16.19
CA GLU B 154 2.91 19.88 -16.17
C GLU B 154 2.38 19.86 -14.73
N ILE B 155 1.54 20.83 -14.43
CA ILE B 155 1.00 20.99 -13.08
C ILE B 155 -0.37 20.45 -12.75
N GLN B 156 -1.23 20.26 -13.74
CA GLN B 156 -2.55 19.71 -13.53
C GLN B 156 -2.52 18.22 -13.74
N PRO B 157 -3.09 17.46 -12.80
CA PRO B 157 -3.09 16.02 -12.97
C PRO B 157 -4.12 15.63 -14.02
N SER B 158 -4.00 14.41 -14.54
CA SER B 158 -4.99 13.94 -15.50
C SER B 158 -5.96 13.02 -14.75
N VAL B 159 -5.58 12.57 -13.54
CA VAL B 159 -6.48 11.73 -12.71
C VAL B 159 -6.37 12.14 -11.26
N LEU B 160 -7.40 11.84 -10.48
CA LEU B 160 -7.46 12.17 -9.04
C LEU B 160 -6.17 11.77 -8.33
N GLN B 161 -5.75 12.55 -7.33
CA GLN B 161 -4.52 12.27 -6.59
C GLN B 161 -4.76 12.01 -5.10
N VAL B 162 -3.87 11.20 -4.51
CA VAL B 162 -3.94 10.94 -3.08
C VAL B 162 -2.58 11.18 -2.39
N VAL B 163 -2.63 11.55 -1.13
CA VAL B 163 -1.41 11.77 -0.38
C VAL B 163 -1.80 11.55 1.05
N ASN B 164 -0.86 11.01 1.82
CA ASN B 164 -1.09 10.74 3.23
C ASN B 164 -0.29 11.76 4.04
N LEU B 165 -0.95 12.36 5.01
CA LEU B 165 -0.37 13.40 5.81
C LEU B 165 -0.55 13.16 7.28
N PRO B 166 0.47 13.50 8.08
CA PRO B 166 0.36 13.29 9.51
C PRO B 166 -0.18 14.53 10.17
N ILE B 167 -1.08 14.36 11.11
CA ILE B 167 -1.62 15.48 11.84
C ILE B 167 -0.38 16.06 12.53
N VAL B 168 -0.52 17.24 13.13
CA VAL B 168 0.60 17.91 13.80
C VAL B 168 0.07 18.53 15.09
N GLU B 169 0.92 18.56 16.11
CA GLU B 169 0.55 19.14 17.40
C GLU B 169 0.07 20.55 17.19
N ARG B 170 -0.99 20.91 17.93
CA ARG B 170 -1.56 22.23 17.84
C ARG B 170 -0.52 23.31 18.05
N PRO B 171 -0.01 23.45 19.29
CA PRO B 171 1.01 24.47 19.56
C PRO B 171 2.00 24.63 18.42
N VAL B 172 2.36 23.51 17.80
CA VAL B 172 3.30 23.55 16.67
C VAL B 172 2.66 24.21 15.46
N CYS B 173 1.35 24.00 15.28
CA CYS B 173 0.63 24.59 14.16
C CYS B 173 0.58 26.08 14.39
N LYS B 174 0.12 26.45 15.58
CA LYS B 174 -0.02 27.85 15.94
C LYS B 174 1.24 28.69 15.73
N ALA B 175 2.38 28.12 16.07
CA ALA B 175 3.66 28.81 15.94
C ALA B 175 4.21 28.81 14.52
N SER B 176 3.51 28.15 13.60
CA SER B 176 3.96 28.10 12.23
C SER B 176 3.33 29.18 11.38
N THR B 177 2.63 30.11 12.01
CA THR B 177 1.97 31.19 11.26
C THR B 177 1.51 32.34 12.14
N ARG B 178 1.35 33.49 11.52
CA ARG B 178 0.90 34.70 12.21
C ARG B 178 -0.61 34.60 12.34
N ILE B 179 -1.24 33.94 11.37
CA ILE B 179 -2.70 33.74 11.35
C ILE B 179 -3.19 33.17 12.67
N ARG B 180 -4.26 33.75 13.20
CA ARG B 180 -4.83 33.30 14.46
C ARG B 180 -5.56 32.00 14.22
N ILE B 181 -5.00 30.90 14.72
CA ILE B 181 -5.62 29.60 14.55
C ILE B 181 -6.73 29.44 15.58
N THR B 182 -7.72 28.60 15.28
CA THR B 182 -8.79 28.39 16.24
C THR B 182 -8.98 26.91 16.53
N ASP B 183 -9.83 26.61 17.50
CA ASP B 183 -10.13 25.24 17.88
C ASP B 183 -10.89 24.54 16.76
N ASN B 184 -11.50 25.32 15.88
CA ASN B 184 -12.26 24.79 14.75
C ASN B 184 -11.39 24.31 13.59
N MET B 185 -10.07 24.37 13.75
CA MET B 185 -9.20 23.90 12.68
C MET B 185 -8.06 23.09 13.24
N PHE B 186 -7.38 22.37 12.36
CA PHE B 186 -6.24 21.57 12.78
C PHE B 186 -5.33 21.49 11.56
N CYS B 187 -4.03 21.31 11.80
CA CYS B 187 -3.08 21.23 10.70
C CYS B 187 -2.43 19.87 10.57
N ALA B 188 -1.85 19.62 9.41
CA ALA B 188 -1.22 18.34 9.17
C ALA B 188 -0.17 18.54 8.12
N GLY B 189 0.85 17.70 8.16
CA GLY B 189 1.92 17.79 7.20
C GLY B 189 3.23 17.40 7.87
N PHE B 190 4.21 17.05 7.06
CA PHE B 190 5.50 16.67 7.58
C PHE B 190 6.31 17.90 7.93
N LYS B 191 7.43 17.69 8.62
CA LYS B 191 8.29 18.80 9.02
C LYS B 191 9.32 19.17 7.97
N VAL B 192 9.94 20.31 8.21
CA VAL B 192 10.97 20.87 7.34
C VAL B 192 12.11 19.89 7.07
N ASN B 193 12.82 19.53 8.14
CA ASN B 193 13.92 18.59 8.04
C ASN B 193 13.42 17.20 7.64
N ASP B 194 12.12 17.00 7.78
CA ASP B 194 11.51 15.72 7.45
C ASP B 194 11.78 15.33 6.00
N THR B 195 11.93 14.03 5.80
CA THR B 195 12.21 13.42 4.50
C THR B 195 11.07 13.52 3.50
N LYS B 196 9.86 13.30 4.00
CA LYS B 196 8.65 13.34 3.19
C LYS B 196 7.96 14.71 3.15
N ARG B 197 7.64 15.19 1.95
CA ARG B 197 6.90 16.44 1.82
C ARG B 197 5.43 16.04 1.64
N GLY B 198 4.82 16.37 0.51
CA GLY B 198 3.42 15.99 0.34
C GLY B 198 2.46 16.97 1.00
N ASP B 199 1.64 17.62 0.21
CA ASP B 199 0.71 18.58 0.78
C ASP B 199 -0.44 18.81 -0.18
N ALA B 200 -1.45 19.53 0.30
CA ALA B 200 -2.61 19.87 -0.52
C ALA B 200 -2.36 21.26 -1.08
N CYS B 201 -2.80 21.46 -2.32
CA CYS B 201 -2.65 22.73 -2.97
C CYS B 201 -3.98 23.50 -2.95
N GLU B 202 -4.03 24.64 -3.64
CA GLU B 202 -5.23 25.47 -3.66
C GLU B 202 -6.45 24.78 -4.27
N GLY B 203 -6.30 24.19 -5.46
CA GLY B 203 -7.43 23.52 -6.06
C GLY B 203 -7.90 22.26 -5.32
N ASP B 204 -7.27 21.92 -4.19
CA ASP B 204 -7.67 20.74 -3.44
C ASP B 204 -8.56 21.20 -2.31
N SER B 205 -8.68 22.52 -2.18
CA SER B 205 -9.51 23.12 -1.14
C SER B 205 -10.91 22.54 -1.18
N GLY B 206 -11.53 22.45 0.00
CA GLY B 206 -12.88 21.93 0.08
C GLY B 206 -12.97 20.44 0.06
N GLY B 207 -11.87 19.80 -0.31
CA GLY B 207 -11.85 18.36 -0.36
C GLY B 207 -11.77 17.77 1.04
N PRO B 208 -11.81 16.45 1.13
CA PRO B 208 -11.78 15.75 2.41
C PRO B 208 -10.44 15.22 2.99
N PHE B 209 -10.35 15.30 4.32
CA PHE B 209 -9.22 14.75 5.06
C PHE B 209 -9.87 13.58 5.81
N VAL B 210 -9.57 12.37 5.37
CA VAL B 210 -10.19 11.19 5.98
C VAL B 210 -9.24 10.19 6.66
N MET B 211 -9.76 9.54 7.69
CA MET B 211 -9.03 8.53 8.46
C MET B 211 -9.84 7.24 8.61
N LYS B 212 -9.21 6.09 8.33
CA LYS B 212 -9.88 4.79 8.45
C LYS B 212 -9.81 4.28 9.89
N SER B 213 -10.95 3.97 10.48
CA SER B 213 -10.93 3.46 11.84
C SER B 213 -10.33 2.05 11.92
N PRO B 214 -9.51 1.81 12.96
CA PRO B 214 -8.87 0.51 13.17
C PRO B 214 -9.91 -0.41 13.79
N PHE B 215 -10.96 0.21 14.32
CA PHE B 215 -12.07 -0.47 14.96
C PHE B 215 -12.99 -1.11 13.94
N ASN B 216 -13.94 -0.32 13.44
CA ASN B 216 -14.95 -0.77 12.49
C ASN B 216 -14.59 -0.79 11.01
N ASN B 217 -13.37 -0.40 10.68
CA ASN B 217 -12.94 -0.41 9.29
C ASN B 217 -13.65 0.63 8.41
N ARG B 218 -14.36 1.57 9.04
CA ARG B 218 -15.08 2.64 8.32
C ARG B 218 -14.28 3.96 8.19
N TRP B 219 -14.33 4.58 7.01
CA TRP B 219 -13.63 5.86 6.80
C TRP B 219 -14.41 7.05 7.35
N TYR B 220 -13.69 7.95 8.01
CA TYR B 220 -14.33 9.13 8.59
C TYR B 220 -13.69 10.40 8.07
N GLN B 221 -14.50 11.40 7.75
CA GLN B 221 -13.91 12.64 7.26
C GLN B 221 -13.65 13.56 8.44
N MET B 222 -12.39 13.67 8.85
CA MET B 222 -12.05 14.52 10.02
C MET B 222 -11.97 16.02 9.72
N GLY B 223 -11.57 16.37 8.50
CA GLY B 223 -11.49 17.79 8.14
C GLY B 223 -11.78 18.08 6.67
N ILE B 224 -11.82 19.37 6.35
CA ILE B 224 -12.05 19.81 4.98
C ILE B 224 -10.80 20.62 4.64
N VAL B 225 -10.17 20.36 3.50
CA VAL B 225 -8.98 21.14 3.11
C VAL B 225 -9.41 22.57 3.10
N SER B 226 -8.82 23.34 3.99
CA SER B 226 -9.14 24.76 4.11
C SER B 226 -8.01 25.64 3.63
N ALA B 227 -6.76 25.22 3.81
CA ALA B 227 -5.62 25.99 3.34
C ALA B 227 -4.41 25.07 3.15
N GLY B 228 -4.39 24.36 2.03
CA GLY B 228 -3.26 23.48 1.75
C GLY B 228 -1.98 24.29 1.83
N ALA B 229 -0.86 23.65 2.15
CA ALA B 229 0.39 24.40 2.26
C ALA B 229 1.31 24.13 1.09
N GLY B 230 0.79 23.54 0.03
CA GLY B 230 1.61 23.21 -1.13
C GLY B 230 1.53 24.11 -2.34
N CYS B 231 2.31 23.75 -3.35
CA CYS B 231 2.37 24.51 -4.58
C CYS B 231 2.74 25.97 -4.27
N ASP B 232 2.05 26.91 -4.88
CA ASP B 232 2.39 28.31 -4.66
C ASP B 232 2.17 28.86 -3.25
N ARG B 233 1.32 28.21 -2.45
CA ARG B 233 1.03 28.75 -1.12
C ARG B 233 2.16 28.68 -0.12
N LYS B 234 2.88 27.57 -0.15
CA LYS B 234 3.96 27.34 0.80
C LYS B 234 3.89 28.06 2.15
N GLY B 235 3.65 27.23 3.15
CA GLY B 235 3.59 27.61 4.54
C GLY B 235 4.07 26.30 5.14
N LYS B 236 4.28 26.24 6.45
CA LYS B 236 4.72 24.98 7.04
C LYS B 236 3.68 23.88 6.81
N TYR B 237 2.58 23.93 7.57
CA TYR B 237 1.53 22.91 7.48
C TYR B 237 0.22 23.34 6.80
N GLY B 238 -0.53 22.37 6.31
CA GLY B 238 -1.81 22.67 5.70
C GLY B 238 -2.84 22.78 6.81
N PHE B 239 -3.88 23.60 6.62
CA PHE B 239 -4.93 23.74 7.63
C PHE B 239 -6.25 23.18 7.14
N TYR B 240 -6.95 22.53 8.06
CA TYR B 240 -8.22 21.86 7.78
C TYR B 240 -9.32 22.28 8.74
N THR B 241 -10.54 22.40 8.23
CA THR B 241 -11.65 22.75 9.07
C THR B 241 -11.94 21.50 9.92
N HIS B 242 -12.18 21.69 11.22
CA HIS B 242 -12.42 20.57 12.14
C HIS B 242 -13.87 20.12 12.00
N VAL B 243 -14.10 19.09 11.21
CA VAL B 243 -15.47 18.62 10.97
C VAL B 243 -16.33 18.39 12.22
N PHE B 244 -15.86 17.53 13.14
CA PHE B 244 -16.63 17.25 14.36
C PHE B 244 -16.99 18.52 15.09
N ARG B 245 -16.02 19.42 15.24
CA ARG B 245 -16.25 20.68 15.93
C ARG B 245 -17.38 21.47 15.30
N LEU B 246 -17.71 21.11 14.06
CA LEU B 246 -18.79 21.81 13.37
C LEU B 246 -19.98 20.88 13.13
N LYS B 247 -19.91 19.66 13.65
CA LYS B 247 -20.97 18.68 13.49
C LYS B 247 -22.35 19.18 13.89
N ARG B 248 -22.40 20.05 14.90
CA ARG B 248 -23.68 20.56 15.36
C ARG B 248 -24.31 21.49 14.35
N TRP B 249 -23.51 22.36 13.73
CA TRP B 249 -24.03 23.28 12.72
C TRP B 249 -24.54 22.45 11.55
N ILE B 250 -23.86 21.35 11.27
CA ILE B 250 -24.25 20.47 10.17
C ILE B 250 -25.66 19.89 10.35
N GLN B 251 -26.04 19.64 11.60
CA GLN B 251 -27.38 19.11 11.86
C GLN B 251 -28.33 20.30 11.83
N LYS B 252 -27.98 21.33 12.56
CA LYS B 252 -28.84 22.50 12.55
C LYS B 252 -29.26 22.80 11.10
N VAL B 253 -28.32 22.71 10.15
CA VAL B 253 -28.64 23.01 8.76
C VAL B 253 -29.48 21.91 8.14
N ILE B 254 -29.02 20.68 8.24
CA ILE B 254 -29.74 19.57 7.67
C ILE B 254 -31.16 19.43 8.26
N ASP B 255 -31.26 18.96 9.51
CA ASP B 255 -32.55 18.81 10.17
C ASP B 255 -33.48 19.95 9.76
N GLN B 256 -32.95 21.17 9.66
CA GLN B 256 -33.76 22.34 9.31
C GLN B 256 -34.02 22.72 7.85
N PHE B 257 -33.21 22.29 6.90
CA PHE B 257 -33.49 22.70 5.55
C PHE B 257 -33.74 21.66 4.49
N GLY B 258 -33.49 20.40 4.79
CA GLY B 258 -33.72 19.45 3.73
C GLY B 258 -34.36 18.21 4.25
N ARG C 5 -13.81 23.47 -32.31
CA ARG C 5 -14.43 22.83 -31.14
C ARG C 5 -13.35 22.27 -30.22
N ASN C 6 -13.47 20.98 -29.91
CA ASN C 6 -12.59 20.25 -29.01
C ASN C 6 -11.44 20.95 -28.28
N PRO C 7 -10.36 21.36 -28.96
CA PRO C 7 -9.35 22.02 -28.14
C PRO C 7 -9.90 23.30 -27.49
N ASN C 8 -11.09 23.72 -27.91
CA ASN C 8 -11.71 24.90 -27.31
C ASN C 8 -12.38 24.52 -25.98
N ASP C 9 -12.63 23.23 -25.77
CA ASP C 9 -13.27 22.75 -24.56
C ASP C 9 -12.25 22.07 -23.65
N LYS C 10 -11.87 22.74 -22.57
CA LYS C 10 -10.90 22.20 -21.61
C LYS C 10 -11.43 20.92 -21.00
N TYR C 11 -12.75 20.80 -20.91
CA TYR C 11 -13.35 19.60 -20.36
C TYR C 11 -14.24 18.97 -21.41
N GLU C 12 -14.18 17.65 -21.55
CA GLU C 12 -15.02 16.99 -22.55
C GLU C 12 -16.50 17.27 -22.16
N PRO C 13 -17.40 17.49 -23.15
CA PRO C 13 -18.80 17.76 -22.80
C PRO C 13 -19.36 16.59 -22.01
N PHE C 14 -20.17 16.87 -20.98
CA PHE C 14 -20.71 15.82 -20.13
C PHE C 14 -22.20 15.80 -19.84
N TRP C 15 -23.02 16.07 -20.86
CA TRP C 15 -24.47 16.05 -20.68
C TRP C 15 -25.17 14.83 -21.28
N GLU C 16 -24.54 14.14 -22.23
CA GLU C 16 -25.20 12.94 -22.78
C GLU C 16 -25.69 12.10 -21.59
N ASP C 17 -26.51 11.09 -21.84
CA ASP C 17 -27.04 10.25 -20.75
C ASP C 17 -27.54 11.20 -19.65
N GLU C 18 -28.55 12.01 -19.97
CA GLU C 18 -29.10 12.98 -19.02
C GLU C 18 -30.61 13.15 -18.97
N GLU C 19 -31.13 13.31 -17.76
CA GLU C 19 -32.56 13.48 -17.50
C GLU C 19 -33.47 12.58 -18.34
N PHE D 1 19.88 -3.68 -17.62
CA PHE D 1 20.37 -4.66 -16.62
C PHE D 1 21.58 -5.40 -17.19
N HIS D 2 22.64 -5.49 -16.39
CA HIS D 2 23.89 -6.14 -16.78
C HIS D 2 23.86 -7.63 -16.43
N THR D 3 23.99 -8.47 -17.45
CA THR D 3 23.99 -9.92 -17.30
C THR D 3 25.26 -10.42 -16.63
N PHE D 4 25.10 -11.39 -15.72
CA PHE D 4 26.22 -11.97 -15.02
C PHE D 4 26.35 -13.42 -15.37
N PHE D 5 25.28 -14.01 -15.90
CA PHE D 5 25.33 -15.43 -16.23
C PHE D 5 25.28 -15.75 -17.72
N ASN D 6 25.59 -17.00 -18.04
CA ASN D 6 25.57 -17.46 -19.41
C ASN D 6 24.31 -18.28 -19.66
N GLU D 7 23.40 -17.71 -20.44
CA GLU D 7 22.15 -18.39 -20.77
C GLU D 7 22.25 -19.88 -20.96
N LYS D 8 23.32 -20.32 -21.60
CA LYS D 8 23.50 -21.75 -21.86
C LYS D 8 23.58 -22.60 -20.61
N THR D 9 24.10 -22.03 -19.53
CA THR D 9 24.23 -22.78 -18.26
C THR D 9 23.16 -22.33 -17.27
N PHE D 10 22.84 -21.04 -17.32
CA PHE D 10 21.84 -20.47 -16.44
C PHE D 10 20.45 -20.82 -16.91
N GLY D 11 20.11 -20.38 -18.12
CA GLY D 11 18.80 -20.62 -18.69
C GLY D 11 18.23 -19.25 -18.93
N LEU D 12 16.96 -19.15 -19.26
CA LEU D 12 16.39 -17.85 -19.51
C LEU D 12 15.93 -17.08 -18.27
N GLY D 13 15.83 -15.76 -18.44
CA GLY D 13 15.31 -14.91 -17.38
C GLY D 13 16.12 -13.83 -16.71
N GLU D 14 17.44 -13.97 -16.66
CA GLU D 14 18.24 -12.96 -16.01
C GLU D 14 17.99 -11.50 -16.40
N ALA D 15 17.77 -11.24 -17.68
CA ALA D 15 17.58 -9.86 -18.16
C ALA D 15 16.27 -9.22 -17.78
N ASP D 16 15.23 -10.05 -17.61
CA ASP D 16 13.92 -9.54 -17.27
C ASP D 16 13.60 -9.88 -15.80
N CYS D 17 14.61 -10.28 -15.03
CA CYS D 17 14.41 -10.64 -13.63
C CYS D 17 13.81 -9.51 -12.85
N GLY D 18 13.13 -9.84 -11.75
CA GLY D 18 12.58 -8.83 -10.87
C GLY D 18 11.46 -7.92 -11.30
N LEU D 19 10.89 -8.15 -12.47
CA LEU D 19 9.76 -7.33 -12.93
C LEU D 19 8.49 -8.16 -12.87
N ARG D 20 7.54 -7.77 -12.02
CA ARG D 20 6.33 -8.57 -11.89
C ARG D 20 5.23 -8.34 -12.92
N PRO D 21 4.96 -9.37 -13.73
CA PRO D 21 3.94 -9.34 -14.78
C PRO D 21 2.68 -8.58 -14.36
N LEU D 22 2.18 -8.88 -13.17
CA LEU D 22 0.97 -8.25 -12.67
C LEU D 22 1.15 -6.97 -11.87
N PHE D 23 2.37 -6.47 -11.77
CA PHE D 23 2.61 -5.27 -10.98
C PHE D 23 3.43 -4.20 -11.67
N GLU D 24 4.75 -4.30 -11.64
CA GLU D 24 5.55 -3.27 -12.31
C GLU D 24 5.04 -3.08 -13.74
N LYS D 25 5.06 -4.16 -14.50
CA LYS D 25 4.64 -4.19 -15.89
C LYS D 25 3.27 -3.61 -16.15
N LYS D 26 2.25 -4.08 -15.44
CA LYS D 26 0.92 -3.51 -15.65
C LYS D 26 0.87 -2.16 -14.95
N SER D 27 2.02 -1.70 -14.47
CA SER D 27 2.13 -0.45 -13.74
C SER D 27 1.15 -0.36 -12.55
N LEU D 28 1.13 -1.42 -11.74
CA LEU D 28 0.32 -1.46 -10.54
C LEU D 28 1.27 -1.56 -9.35
N LYS D 29 0.73 -1.49 -8.14
CA LYS D 29 1.54 -1.58 -6.93
C LYS D 29 0.83 -2.52 -5.99
N ASP D 30 1.58 -3.34 -5.25
CA ASP D 30 0.93 -4.25 -4.30
C ASP D 30 0.51 -3.47 -3.06
N THR D 31 -0.38 -4.06 -2.26
CA THR D 31 -0.88 -3.38 -1.08
C THR D 31 0.07 -2.74 -0.06
N THR D 32 1.32 -3.21 0.02
CA THR D 32 2.24 -2.67 1.01
C THR D 32 3.65 -2.41 0.53
N GLU D 33 3.87 -2.41 -0.77
CA GLU D 33 5.22 -2.13 -1.21
C GLU D 33 5.68 -0.68 -0.85
N LYS D 34 4.75 0.25 -0.61
CA LYS D 34 5.18 1.60 -0.24
C LYS D 34 5.87 1.57 1.11
N GLU D 35 5.44 0.65 1.97
CA GLU D 35 6.03 0.50 3.31
C GLU D 35 7.53 0.32 3.10
N LEU D 36 7.86 -0.50 2.12
CA LEU D 36 9.25 -0.78 1.81
C LEU D 36 10.03 0.46 1.36
N LEU D 37 9.64 1.09 0.25
CA LEU D 37 10.39 2.25 -0.20
C LEU D 37 10.45 3.36 0.84
N ASP D 38 9.35 3.56 1.58
CA ASP D 38 9.34 4.59 2.61
C ASP D 38 10.45 4.41 3.63
N SER D 39 11.01 3.20 3.69
CA SER D 39 12.08 2.83 4.64
C SER D 39 13.48 2.95 4.09
N TYR D 40 13.59 3.05 2.77
CA TYR D 40 14.88 3.19 2.11
C TYR D 40 15.31 4.64 2.23
N ILE D 41 14.31 5.51 2.26
CA ILE D 41 14.55 6.94 2.37
C ILE D 41 15.25 7.16 3.72
N ASP D 42 14.65 6.61 4.77
CA ASP D 42 15.20 6.72 6.10
C ASP D 42 16.47 5.87 6.22
N GLY D 43 17.02 5.80 7.43
CA GLY D 43 18.24 5.02 7.65
C GLY D 43 19.46 5.71 7.09
N ILE E 1 4.66 -17.95 8.39
CA ILE E 1 4.82 -16.47 8.64
C ILE E 1 3.89 -15.98 9.77
N VAL E 2 4.45 -15.33 10.81
CA VAL E 2 3.60 -14.81 11.89
C VAL E 2 3.39 -13.30 11.74
N GLU E 3 2.16 -12.85 11.96
CA GLU E 3 1.86 -11.43 11.85
C GLU E 3 2.13 -10.86 10.46
N GLY E 4 1.91 -11.69 9.44
CA GLY E 4 2.05 -11.22 8.08
C GLY E 4 0.63 -11.18 7.55
N TRP E 5 0.45 -11.18 6.24
CA TRP E 5 -0.90 -11.16 5.69
C TRP E 5 -1.04 -11.90 4.35
N ASP E 6 -2.28 -12.30 4.02
CA ASP E 6 -2.58 -13.01 2.79
C ASP E 6 -1.98 -12.27 1.63
N ALA E 7 -1.23 -12.99 0.78
CA ALA E 7 -0.59 -12.38 -0.39
C ALA E 7 -1.58 -12.09 -1.52
N GLU E 8 -1.22 -11.15 -2.41
CA GLU E 8 -2.07 -10.88 -3.57
C GLU E 8 -1.51 -11.79 -4.65
N LYS E 9 -2.36 -12.24 -5.56
CA LYS E 9 -1.90 -13.12 -6.64
C LYS E 9 -0.68 -12.50 -7.33
N GLY E 10 0.32 -13.32 -7.65
CA GLY E 10 1.50 -12.81 -8.32
C GLY E 10 2.38 -11.75 -7.65
N ILE E 11 2.14 -11.46 -6.37
CA ILE E 11 2.94 -10.45 -5.67
C ILE E 11 4.39 -10.89 -5.56
N ALA E 12 4.61 -12.20 -5.63
CA ALA E 12 5.95 -12.77 -5.56
C ALA E 12 6.01 -14.01 -6.50
N PRO E 13 5.99 -13.77 -7.82
CA PRO E 13 6.02 -14.81 -8.86
C PRO E 13 7.22 -15.75 -8.87
N TRP E 14 8.26 -15.40 -8.10
CA TRP E 14 9.48 -16.21 -7.98
C TRP E 14 9.37 -17.17 -6.78
N GLN E 15 8.26 -17.11 -6.03
CA GLN E 15 8.11 -18.00 -4.87
C GLN E 15 7.93 -19.48 -5.27
N VAL E 16 8.70 -20.34 -4.63
CA VAL E 16 8.69 -21.76 -4.89
C VAL E 16 8.37 -22.56 -3.62
N MET E 17 7.63 -23.63 -3.78
CA MET E 17 7.30 -24.50 -2.67
C MET E 17 8.14 -25.76 -2.80
N LEU E 18 8.96 -26.08 -1.80
CA LEU E 18 9.74 -27.32 -1.84
C LEU E 18 8.85 -28.36 -1.17
N PHE E 19 8.49 -29.37 -1.96
CA PHE E 19 7.55 -30.42 -1.55
C PHE E 19 8.11 -31.83 -1.45
N ARG E 20 7.73 -32.54 -0.39
CA ARG E 20 8.20 -33.93 -0.25
C ARG E 20 7.22 -34.87 -0.98
N LYS E 21 7.74 -35.77 -1.81
CA LYS E 21 6.86 -36.70 -2.53
C LYS E 21 6.06 -37.62 -1.62
N SER E 22 6.76 -38.42 -0.82
CA SER E 22 6.10 -39.37 0.06
C SER E 22 6.76 -39.43 1.43
N PRO E 23 6.01 -39.12 2.50
CA PRO E 23 4.61 -38.71 2.49
C PRO E 23 4.55 -37.28 1.99
N GLN E 24 3.40 -36.86 1.48
CA GLN E 24 3.29 -35.50 0.99
C GLN E 24 3.41 -34.53 2.15
N GLU E 25 4.04 -33.39 1.92
CA GLU E 25 4.19 -32.35 2.93
C GLU E 25 5.04 -31.20 2.45
N LEU E 26 4.65 -30.01 2.90
CA LEU E 26 5.36 -28.78 2.59
C LEU E 26 6.67 -28.93 3.35
N LEU E 27 7.82 -28.73 2.69
CA LEU E 27 9.10 -28.83 3.41
C LEU E 27 9.74 -27.49 3.65
N CYS E 28 9.77 -26.66 2.61
CA CYS E 28 10.38 -25.36 2.72
C CYS E 28 9.93 -24.45 1.62
N GLY E 29 10.36 -23.19 1.72
CA GLY E 29 10.09 -22.22 0.70
C GLY E 29 11.34 -22.25 -0.19
N ALA E 30 11.31 -21.48 -1.29
CA ALA E 30 12.43 -21.47 -2.20
C ALA E 30 12.18 -20.36 -3.20
N SER E 31 13.13 -20.13 -4.11
CA SER E 31 12.96 -19.07 -5.10
C SER E 31 13.51 -19.43 -6.48
N LEU E 32 12.85 -18.87 -7.48
CA LEU E 32 13.16 -19.11 -8.87
C LEU E 32 14.06 -17.99 -9.35
N ILE E 33 15.30 -18.30 -9.69
CA ILE E 33 16.21 -17.25 -10.14
C ILE E 33 16.34 -17.30 -11.65
N SER E 34 15.77 -18.34 -12.26
CA SER E 34 15.80 -18.52 -13.72
C SER E 34 14.82 -19.66 -14.02
N ASP E 35 14.67 -20.05 -15.29
CA ASP E 35 13.75 -21.14 -15.57
C ASP E 35 14.36 -22.52 -15.34
N ARG E 36 15.62 -22.57 -14.93
CA ARG E 36 16.28 -23.85 -14.67
C ARG E 36 16.81 -24.00 -13.24
N TRP E 37 17.09 -22.89 -12.59
CA TRP E 37 17.64 -22.94 -11.24
C TRP E 37 16.78 -22.38 -10.13
N VAL E 38 16.76 -23.09 -9.01
CA VAL E 38 15.99 -22.67 -7.86
C VAL E 38 16.89 -22.61 -6.62
N LEU E 39 16.68 -21.56 -5.84
CA LEU E 39 17.46 -21.29 -4.64
C LEU E 39 16.68 -21.66 -3.37
N THR E 40 17.37 -22.26 -2.40
CA THR E 40 16.73 -22.63 -1.14
C THR E 40 17.78 -22.72 -0.04
N ALA E 41 17.35 -23.04 1.18
CA ALA E 41 18.29 -23.18 2.29
C ALA E 41 18.91 -24.56 2.25
N ALA E 42 20.20 -24.67 2.55
CA ALA E 42 20.86 -25.97 2.62
C ALA E 42 20.19 -26.86 3.68
N HIS E 43 19.78 -26.28 4.82
CA HIS E 43 19.17 -27.13 5.85
C HIS E 43 17.81 -27.70 5.41
N CYS E 44 17.25 -27.21 4.31
CA CYS E 44 15.97 -27.74 3.82
C CYS E 44 16.25 -29.11 3.19
N ILE E 45 17.49 -29.30 2.76
CA ILE E 45 17.91 -30.53 2.13
C ILE E 45 18.62 -31.46 3.11
N LEU E 46 19.65 -30.91 3.77
CA LEU E 46 20.52 -31.66 4.69
C LEU E 46 20.63 -31.13 6.12
N TYR E 47 20.20 -31.93 7.08
CA TYR E 47 20.24 -31.53 8.47
C TYR E 47 20.28 -32.79 9.33
N PRO E 48 21.47 -33.33 9.54
CA PRO E 48 21.62 -34.55 10.34
C PRO E 48 20.87 -34.63 11.69
N PRO E 49 20.87 -33.54 12.48
CA PRO E 49 20.17 -33.57 13.77
C PRO E 49 18.73 -34.07 13.72
N TRP E 50 18.01 -33.79 12.64
CA TRP E 50 16.63 -34.27 12.51
C TRP E 50 16.57 -35.41 11.51
N ASP E 51 17.71 -36.04 11.28
CA ASP E 51 17.77 -37.16 10.36
C ASP E 51 17.21 -36.82 9.00
N LYS E 52 17.54 -35.63 8.51
CA LYS E 52 17.07 -35.18 7.21
C LYS E 52 18.24 -35.21 6.23
N ASN E 53 18.07 -35.96 5.15
CA ASN E 53 19.10 -36.07 4.11
C ASN E 53 18.40 -36.47 2.82
N PHE E 54 17.82 -35.49 2.12
CA PHE E 54 17.09 -35.71 0.88
C PHE E 54 17.93 -35.76 -0.41
N THR E 55 17.52 -36.63 -1.35
CA THR E 55 18.17 -36.70 -2.67
C THR E 55 17.18 -36.15 -3.68
N GLU E 56 17.70 -35.82 -4.87
CA GLU E 56 16.89 -35.25 -5.96
C GLU E 56 15.52 -35.93 -6.17
N ASN E 57 15.45 -37.23 -6.00
CA ASN E 57 14.20 -37.94 -6.23
C ASN E 57 13.19 -37.93 -5.12
N ASP E 58 13.59 -37.47 -3.94
CA ASP E 58 12.68 -37.42 -2.81
C ASP E 58 11.74 -36.23 -2.89
N LEU E 59 12.14 -35.23 -3.65
CA LEU E 59 11.42 -33.97 -3.73
C LEU E 59 10.96 -33.49 -5.09
N LEU E 60 10.22 -32.40 -5.07
CA LEU E 60 9.80 -31.74 -6.28
C LEU E 60 9.47 -30.31 -5.89
N VAL E 61 9.35 -29.43 -6.86
CA VAL E 61 9.03 -28.06 -6.57
C VAL E 61 7.71 -27.65 -7.25
N ARG E 62 7.01 -26.71 -6.63
CA ARG E 62 5.76 -26.22 -7.17
C ARG E 62 5.95 -24.73 -7.28
N ILE E 63 5.81 -24.27 -8.50
CA ILE E 63 6.04 -22.89 -8.85
C ILE E 63 4.74 -22.21 -9.26
N GLY E 64 4.64 -20.90 -9.05
CA GLY E 64 3.42 -20.21 -9.42
C GLY E 64 2.20 -20.42 -8.52
N LYS E 65 2.40 -20.90 -7.29
CA LYS E 65 1.29 -21.16 -6.36
C LYS E 65 0.81 -19.99 -5.50
N HIS E 66 -0.37 -20.17 -4.94
CA HIS E 66 -0.96 -19.17 -4.08
C HIS E 66 -1.57 -19.93 -2.90
N SER E 67 -2.56 -20.78 -3.18
CA SER E 67 -3.17 -21.59 -2.13
C SER E 67 -2.12 -22.60 -1.70
N ARG E 68 -2.11 -22.93 -0.43
CA ARG E 68 -1.14 -23.84 0.12
C ARG E 68 -1.44 -25.26 -0.32
N THR E 69 -2.73 -25.61 -0.31
CA THR E 69 -3.17 -26.98 -0.62
C THR E 69 -3.91 -27.30 -1.89
N ARG E 70 -4.51 -26.33 -2.55
CA ARG E 70 -5.25 -26.65 -3.76
C ARG E 70 -4.32 -26.84 -4.93
N TYR E 71 -4.67 -27.81 -5.77
CA TYR E 71 -3.92 -28.08 -6.98
C TYR E 71 -4.39 -26.96 -7.90
N GLU E 72 -3.54 -25.99 -8.16
CA GLU E 72 -3.94 -24.87 -9.01
C GLU E 72 -3.64 -25.10 -10.49
N ARG E 73 -4.43 -25.98 -11.09
CA ARG E 73 -4.25 -26.33 -12.49
C ARG E 73 -4.17 -25.15 -13.47
N ASN E 74 -3.38 -25.31 -14.52
CA ASN E 74 -3.22 -24.27 -15.52
C ASN E 74 -2.51 -23.04 -14.96
N VAL E 75 -2.00 -23.12 -13.74
CA VAL E 75 -1.30 -21.97 -13.16
C VAL E 75 0.00 -22.36 -12.52
N GLU E 76 -0.03 -23.31 -11.59
CA GLU E 76 1.20 -23.72 -10.98
C GLU E 76 1.83 -24.71 -11.92
N LYS E 77 3.15 -24.87 -11.79
CA LYS E 77 3.89 -25.83 -12.59
C LYS E 77 4.72 -26.63 -11.59
N ILE E 78 4.68 -27.94 -11.75
CA ILE E 78 5.42 -28.85 -10.89
C ILE E 78 6.66 -29.24 -11.67
N SER E 79 7.77 -29.46 -10.98
CA SER E 79 8.99 -29.81 -11.68
C SER E 79 9.84 -30.73 -10.86
N MET E 80 10.43 -31.70 -11.53
CA MET E 80 11.31 -32.65 -10.90
C MET E 80 12.68 -32.03 -10.77
N LEU E 81 13.50 -32.62 -9.92
CA LEU E 81 14.83 -32.11 -9.69
C LEU E 81 15.86 -32.97 -10.41
N GLU E 82 16.63 -32.32 -11.27
CA GLU E 82 17.68 -32.99 -11.97
C GLU E 82 18.85 -33.18 -11.00
N LYS E 83 19.12 -32.16 -10.21
CA LYS E 83 20.23 -32.26 -9.28
C LYS E 83 20.21 -31.23 -8.19
N ILE E 84 20.76 -31.60 -7.05
CA ILE E 84 20.84 -30.72 -5.88
C ILE E 84 22.28 -30.39 -5.48
N TYR E 85 22.56 -29.11 -5.30
CA TYR E 85 23.89 -28.71 -4.84
C TYR E 85 23.87 -27.99 -3.47
N VAL E 86 24.35 -28.66 -2.45
CA VAL E 86 24.42 -28.08 -1.11
C VAL E 86 25.81 -27.51 -0.95
N HIS E 87 25.93 -26.32 -0.42
CA HIS E 87 27.25 -25.75 -0.24
C HIS E 87 28.23 -26.70 0.48
N PRO E 88 29.44 -26.86 -0.07
CA PRO E 88 30.41 -27.75 0.56
C PRO E 88 30.78 -27.37 1.98
N ARG E 89 30.71 -26.08 2.30
CA ARG E 89 31.05 -25.60 3.63
C ARG E 89 29.84 -25.23 4.49
N TYR E 90 28.70 -25.84 4.20
CA TYR E 90 27.50 -25.59 4.97
C TYR E 90 27.69 -26.12 6.41
N ASN E 91 27.68 -25.23 7.39
CA ASN E 91 27.89 -25.64 8.79
C ASN E 91 26.62 -25.95 9.57
N TRP E 92 26.13 -27.17 9.50
CA TRP E 92 24.93 -27.53 10.24
C TRP E 92 25.25 -27.82 11.69
N ARG E 93 26.48 -28.23 11.97
CA ARG E 93 26.87 -28.55 13.34
C ARG E 93 26.75 -27.39 14.32
N GLU E 94 27.10 -26.20 13.86
CA GLU E 94 27.10 -25.06 14.75
C GLU E 94 26.17 -23.91 14.50
N ASN E 95 26.34 -23.23 13.38
CA ASN E 95 25.58 -22.02 13.10
C ASN E 95 24.86 -21.84 11.75
N LEU E 96 24.63 -22.90 10.98
CA LEU E 96 24.00 -22.74 9.68
C LEU E 96 24.75 -21.76 8.76
N ASP E 97 26.04 -21.59 8.96
CA ASP E 97 26.80 -20.70 8.08
C ASP E 97 26.74 -21.31 6.67
N ARG E 98 26.53 -20.49 5.66
CA ARG E 98 26.48 -20.96 4.27
C ARG E 98 25.30 -21.92 4.03
N ASP E 99 24.18 -21.55 4.62
CA ASP E 99 22.96 -22.32 4.53
C ASP E 99 22.35 -21.98 3.18
N ILE E 100 22.77 -22.71 2.16
CA ILE E 100 22.32 -22.46 0.80
C ILE E 100 22.48 -23.70 -0.06
N ALA E 101 21.53 -23.87 -0.97
CA ALA E 101 21.55 -25.00 -1.87
C ALA E 101 20.90 -24.57 -3.17
N LEU E 102 21.43 -25.04 -4.29
CA LEU E 102 20.88 -24.73 -5.60
C LEU E 102 20.18 -25.95 -6.16
N LEU E 103 18.99 -25.75 -6.74
CA LEU E 103 18.28 -26.88 -7.31
C LEU E 103 18.22 -26.71 -8.83
N LYS E 104 18.70 -27.71 -9.55
CA LYS E 104 18.69 -27.70 -11.02
C LYS E 104 17.43 -28.42 -11.46
N LEU E 105 16.53 -27.72 -12.14
CA LEU E 105 15.29 -28.34 -12.57
C LEU E 105 15.46 -29.23 -13.79
N LYS E 106 14.86 -30.40 -13.73
CA LYS E 106 14.92 -31.39 -14.80
C LYS E 106 14.48 -30.87 -16.17
N LYS E 107 13.60 -29.88 -16.18
CA LYS E 107 13.09 -29.27 -17.40
C LYS E 107 12.76 -27.84 -17.06
N PRO E 108 13.18 -26.89 -17.91
CA PRO E 108 12.89 -25.48 -17.66
C PRO E 108 11.41 -25.22 -17.47
N VAL E 109 11.07 -24.17 -16.75
CA VAL E 109 9.67 -23.82 -16.50
C VAL E 109 9.26 -22.57 -17.25
N PRO E 110 8.08 -22.60 -17.87
CA PRO E 110 7.56 -21.44 -18.62
C PRO E 110 7.10 -20.38 -17.67
N PHE E 111 7.42 -19.13 -18.00
CA PHE E 111 7.04 -17.98 -17.18
C PHE E 111 5.60 -17.61 -17.45
N SER E 112 5.06 -16.72 -16.64
CA SER E 112 3.69 -16.28 -16.81
C SER E 112 3.36 -15.09 -15.92
N ASP E 113 2.07 -14.84 -15.72
CA ASP E 113 1.66 -13.76 -14.85
C ASP E 113 2.04 -14.16 -13.43
N TYR E 114 2.14 -15.47 -13.21
CA TYR E 114 2.39 -15.99 -11.87
C TYR E 114 3.72 -16.65 -11.62
N ILE E 115 4.51 -16.83 -12.68
CA ILE E 115 5.83 -17.44 -12.59
C ILE E 115 6.81 -16.51 -13.31
N HIS E 116 7.80 -16.01 -12.57
CA HIS E 116 8.79 -15.08 -13.10
C HIS E 116 9.96 -15.04 -12.11
N PRO E 117 11.21 -15.15 -12.59
CA PRO E 117 12.40 -15.15 -11.73
C PRO E 117 12.68 -13.85 -11.01
N VAL E 118 13.38 -13.96 -9.88
CA VAL E 118 13.73 -12.80 -9.08
C VAL E 118 15.18 -12.42 -9.42
N CYS E 119 15.61 -11.21 -9.08
CA CYS E 119 17.00 -10.82 -9.38
C CYS E 119 18.02 -11.18 -8.30
N LEU E 120 19.21 -11.55 -8.73
CA LEU E 120 20.29 -11.82 -7.80
C LEU E 120 20.98 -10.47 -7.60
N PRO E 121 21.24 -10.07 -6.35
CA PRO E 121 21.89 -8.77 -6.09
C PRO E 121 23.29 -8.63 -6.66
N ASP E 122 23.64 -7.40 -7.01
CA ASP E 122 24.97 -7.01 -7.51
C ASP E 122 25.61 -6.26 -6.35
N LYS E 123 26.92 -6.13 -6.34
CA LYS E 123 27.62 -5.44 -5.26
C LYS E 123 27.04 -4.08 -4.90
N GLN E 124 26.63 -3.33 -5.90
CA GLN E 124 26.09 -2.01 -5.60
C GLN E 124 24.83 -2.12 -4.80
N THR E 125 23.89 -2.89 -5.35
CA THR E 125 22.59 -3.13 -4.72
C THR E 125 22.75 -3.44 -3.24
N VAL E 126 23.76 -4.23 -2.92
CA VAL E 126 24.03 -4.56 -1.54
C VAL E 126 24.30 -3.27 -0.76
N THR E 127 25.42 -2.62 -1.11
CA THR E 127 25.82 -1.39 -0.43
C THR E 127 24.70 -0.38 -0.34
N SER E 128 23.82 -0.36 -1.32
CA SER E 128 22.73 0.61 -1.28
C SER E 128 21.48 0.15 -0.54
N LEU E 129 21.21 -1.15 -0.50
CA LEU E 129 19.99 -1.57 0.18
C LEU E 129 20.12 -2.40 1.46
N LEU E 130 21.21 -3.13 1.60
CA LEU E 130 21.38 -3.95 2.78
C LEU E 130 21.87 -3.15 3.94
N ARG E 131 20.98 -2.37 4.53
CA ARG E 131 21.31 -1.54 5.69
C ARG E 131 20.25 -1.56 6.76
N ALA E 132 20.68 -1.41 8.00
CA ALA E 132 19.77 -1.43 9.12
C ALA E 132 18.63 -0.49 8.85
N GLY E 133 17.45 -0.83 9.34
CA GLY E 133 16.30 0.01 9.13
C GLY E 133 15.62 -0.25 7.80
N TYR E 134 16.38 -0.64 6.78
CA TYR E 134 15.77 -0.94 5.48
C TYR E 134 14.94 -2.22 5.58
N LYS E 135 13.66 -2.12 5.22
CA LYS E 135 12.73 -3.23 5.26
C LYS E 135 12.74 -4.10 4.01
N GLY E 136 12.63 -5.42 4.22
CA GLY E 136 12.60 -6.37 3.14
C GLY E 136 11.32 -7.18 3.25
N ARG E 137 11.05 -8.05 2.28
CA ARG E 137 9.85 -8.86 2.30
C ARG E 137 10.20 -10.34 2.27
N VAL E 138 9.50 -11.09 3.13
CA VAL E 138 9.66 -12.53 3.22
C VAL E 138 8.28 -13.07 2.92
N THR E 139 8.21 -14.13 2.12
CA THR E 139 6.92 -14.73 1.79
C THR E 139 7.00 -16.23 2.07
N GLY E 140 5.88 -16.86 2.41
CA GLY E 140 5.94 -18.28 2.70
C GLY E 140 4.62 -18.86 3.18
N TRP E 141 4.55 -20.19 3.16
CA TRP E 141 3.38 -20.93 3.57
C TRP E 141 3.65 -21.59 4.93
N GLY E 142 4.65 -21.10 5.67
CA GLY E 142 4.95 -21.68 6.96
C GLY E 142 3.89 -21.34 8.00
N ASN E 143 4.03 -21.91 9.18
CA ASN E 143 3.06 -21.66 10.25
C ASN E 143 2.80 -20.22 10.64
N LEU E 144 1.60 -19.99 11.13
CA LEU E 144 1.11 -18.69 11.54
C LEU E 144 1.44 -18.43 12.99
N ARG E 145 1.68 -19.48 13.74
CA ARG E 145 2.03 -19.27 15.15
C ARG E 145 2.82 -20.45 15.65
N GLU E 146 3.53 -20.21 16.76
CA GLU E 146 4.35 -21.25 17.36
C GLU E 146 3.62 -22.27 18.20
N THR E 147 2.41 -22.62 17.78
CA THR E 147 1.56 -23.60 18.45
C THR E 147 0.10 -23.11 18.46
N TRP E 148 -0.80 -24.01 18.86
CA TRP E 148 -2.22 -23.71 18.97
C TRP E 148 -2.60 -24.01 20.43
N THR E 149 -3.90 -24.01 20.73
CA THR E 149 -4.33 -24.27 22.09
C THR E 149 -5.31 -25.45 22.14
N ASN E 153 -5.18 -26.80 13.95
CA ASN E 153 -4.61 -26.51 12.64
C ASN E 153 -4.50 -25.01 12.37
N GLU E 154 -5.17 -24.21 13.19
CA GLU E 154 -5.18 -22.76 13.03
C GLU E 154 -3.81 -22.17 12.71
N ILE E 155 -2.79 -23.02 12.76
CA ILE E 155 -1.42 -22.63 12.51
C ILE E 155 -1.00 -22.53 11.04
N GLN E 156 -1.64 -23.27 10.14
CA GLN E 156 -1.24 -23.23 8.72
C GLN E 156 -2.13 -22.35 7.85
N PRO E 157 -1.52 -21.44 7.08
CA PRO E 157 -2.28 -20.54 6.21
C PRO E 157 -3.00 -21.26 5.09
N SER E 158 -4.02 -20.62 4.53
CA SER E 158 -4.70 -21.25 3.42
C SER E 158 -4.09 -20.74 2.11
N VAL E 159 -3.40 -19.59 2.18
CA VAL E 159 -2.73 -19.04 1.01
C VAL E 159 -1.38 -18.42 1.42
N LEU E 160 -0.50 -18.21 0.44
CA LEU E 160 0.82 -17.63 0.65
C LEU E 160 0.72 -16.40 1.54
N GLN E 161 1.68 -16.23 2.45
CA GLN E 161 1.71 -15.09 3.37
C GLN E 161 2.87 -14.16 3.06
N VAL E 162 2.71 -12.90 3.38
CA VAL E 162 3.76 -11.94 3.13
C VAL E 162 4.01 -11.13 4.39
N VAL E 163 5.26 -10.71 4.60
CA VAL E 163 5.57 -9.89 5.76
C VAL E 163 6.77 -9.01 5.40
N ASN E 164 6.80 -7.81 5.94
CA ASN E 164 7.89 -6.88 5.69
C ASN E 164 8.62 -6.76 7.00
N LEU E 165 9.94 -6.88 6.94
CA LEU E 165 10.75 -6.87 8.14
C LEU E 165 11.96 -5.99 8.00
N PRO E 166 12.28 -5.20 9.05
CA PRO E 166 13.45 -4.32 8.99
C PRO E 166 14.77 -5.08 9.25
N ILE E 167 15.81 -4.72 8.51
CA ILE E 167 17.13 -5.33 8.68
C ILE E 167 17.66 -4.80 10.01
N VAL E 168 18.36 -5.66 10.74
CA VAL E 168 18.89 -5.28 12.04
C VAL E 168 20.38 -5.11 11.97
N GLU E 169 20.93 -4.15 12.73
CA GLU E 169 22.38 -3.93 12.72
C GLU E 169 23.08 -5.15 13.24
N ARG E 170 24.18 -5.45 12.60
CA ARG E 170 25.00 -6.59 12.92
C ARG E 170 25.40 -6.73 14.40
N PRO E 171 25.83 -5.63 15.05
CA PRO E 171 26.20 -5.84 16.45
C PRO E 171 24.99 -6.27 17.26
N VAL E 172 23.82 -5.75 16.92
CA VAL E 172 22.62 -6.13 17.66
C VAL E 172 22.28 -7.61 17.37
N CYS E 173 22.49 -8.04 16.11
CA CYS E 173 22.24 -9.43 15.69
C CYS E 173 23.15 -10.34 16.48
N LYS E 174 24.43 -10.02 16.45
CA LYS E 174 25.45 -10.78 17.12
C LYS E 174 25.21 -10.92 18.62
N ALA E 175 24.75 -9.86 19.24
CA ALA E 175 24.51 -9.93 20.69
C ALA E 175 23.23 -10.63 21.05
N SER E 176 22.34 -10.88 20.08
CA SER E 176 21.06 -11.53 20.41
C SER E 176 21.13 -13.04 20.54
N THR E 177 22.26 -13.62 20.17
CA THR E 177 22.34 -15.09 20.23
C THR E 177 23.74 -15.51 20.65
N ARG E 178 23.88 -16.72 21.15
CA ARG E 178 25.19 -17.23 21.54
C ARG E 178 25.84 -17.96 20.39
N ILE E 179 25.09 -18.15 19.32
CA ILE E 179 25.63 -18.80 18.13
C ILE E 179 26.51 -17.77 17.41
N ARG E 180 27.50 -18.25 16.68
CA ARG E 180 28.42 -17.35 15.98
C ARG E 180 27.86 -16.89 14.63
N ILE E 181 27.53 -15.61 14.56
CA ILE E 181 26.96 -14.98 13.36
C ILE E 181 28.04 -14.53 12.40
N THR E 182 28.24 -15.27 11.30
CA THR E 182 29.27 -14.92 10.32
C THR E 182 28.88 -13.82 9.36
N ASP E 183 29.83 -13.40 8.55
CA ASP E 183 29.58 -12.34 7.56
C ASP E 183 28.67 -12.82 6.43
N ASN E 184 28.51 -14.13 6.33
CA ASN E 184 27.66 -14.73 5.30
C ASN E 184 26.20 -14.74 5.76
N MET E 185 25.94 -14.04 6.86
CA MET E 185 24.60 -13.95 7.44
C MET E 185 24.27 -12.53 7.82
N PHE E 186 22.97 -12.22 7.85
CA PHE E 186 22.48 -10.95 8.34
C PHE E 186 21.15 -11.30 9.02
N CYS E 187 20.67 -10.43 9.89
CA CYS E 187 19.41 -10.74 10.54
C CYS E 187 18.43 -9.60 10.36
N ALA E 188 17.16 -9.89 10.60
CA ALA E 188 16.10 -8.92 10.44
C ALA E 188 14.97 -9.24 11.41
N GLY E 189 14.08 -8.28 11.62
CA GLY E 189 12.99 -8.50 12.54
C GLY E 189 12.69 -7.21 13.28
N PHE E 190 11.53 -7.15 13.92
CA PHE E 190 11.19 -5.93 14.61
C PHE E 190 11.85 -5.83 15.97
N LYS E 191 11.96 -4.59 16.43
CA LYS E 191 12.60 -4.35 17.70
C LYS E 191 11.88 -5.00 18.85
N VAL E 192 12.70 -5.54 19.74
CA VAL E 192 12.27 -6.25 20.92
C VAL E 192 10.93 -5.84 21.53
N ASN E 193 10.71 -4.57 21.82
CA ASN E 193 9.44 -4.20 22.42
C ASN E 193 8.45 -3.61 21.43
N ASP E 194 8.72 -3.76 20.14
CA ASP E 194 7.82 -3.20 19.13
C ASP E 194 6.43 -3.78 19.26
N THR E 195 5.48 -3.10 18.61
CA THR E 195 4.08 -3.49 18.61
C THR E 195 3.88 -4.48 17.47
N LYS E 196 4.56 -4.20 16.36
CA LYS E 196 4.48 -5.06 15.19
C LYS E 196 5.32 -6.29 15.53
N ARG E 197 4.75 -7.48 15.36
CA ARG E 197 5.49 -8.72 15.62
C ARG E 197 6.29 -8.96 14.35
N GLY E 198 5.87 -9.93 13.55
CA GLY E 198 6.55 -10.16 12.29
C GLY E 198 7.73 -11.11 12.23
N ASP E 199 7.55 -12.24 11.56
CA ASP E 199 8.62 -13.19 11.41
C ASP E 199 8.31 -14.42 10.53
N ALA E 200 9.38 -15.08 10.12
CA ALA E 200 9.31 -16.28 9.32
C ALA E 200 9.29 -17.44 10.30
N CYS E 201 8.60 -18.49 9.91
CA CYS E 201 8.49 -19.67 10.74
C CYS E 201 9.05 -20.90 10.06
N GLU E 202 9.02 -22.01 10.77
CA GLU E 202 9.55 -23.28 10.28
C GLU E 202 9.44 -23.54 8.76
N GLY E 203 8.22 -23.69 8.26
CA GLY E 203 8.03 -23.95 6.84
C GLY E 203 8.31 -22.83 5.83
N ASP E 204 8.70 -21.65 6.33
CA ASP E 204 9.01 -20.47 5.49
C ASP E 204 10.49 -20.57 5.17
N SER E 205 11.17 -21.35 5.98
CA SER E 205 12.58 -21.61 5.85
C SER E 205 12.93 -21.93 4.38
N GLY E 206 14.05 -21.40 3.92
CA GLY E 206 14.49 -21.62 2.55
C GLY E 206 13.91 -20.58 1.61
N GLY E 207 12.79 -19.98 1.98
CA GLY E 207 12.17 -18.97 1.14
C GLY E 207 13.00 -17.69 0.98
N PRO E 208 12.54 -16.73 0.16
CA PRO E 208 13.29 -15.50 -0.03
C PRO E 208 12.97 -14.23 0.76
N PHE E 209 14.02 -13.47 1.05
CA PHE E 209 13.93 -12.15 1.69
C PHE E 209 14.38 -11.26 0.49
N VAL E 210 13.44 -10.48 -0.02
CA VAL E 210 13.66 -9.64 -1.21
C VAL E 210 13.38 -8.16 -0.97
N MET E 211 14.00 -7.31 -1.79
CA MET E 211 13.88 -5.86 -1.68
C MET E 211 13.60 -5.22 -3.05
N LYS E 212 12.82 -4.14 -3.12
CA LYS E 212 12.55 -3.51 -4.43
C LYS E 212 13.49 -2.31 -4.70
N SER E 213 14.48 -2.51 -5.56
CA SER E 213 15.44 -1.46 -5.90
C SER E 213 14.78 -0.20 -6.44
N PRO E 214 14.89 0.92 -5.71
CA PRO E 214 14.29 2.19 -6.13
C PRO E 214 15.01 2.74 -7.36
N PHE E 215 16.23 2.27 -7.60
CA PHE E 215 17.01 2.66 -8.77
C PHE E 215 16.33 2.21 -10.07
N ASN E 216 15.98 0.92 -10.13
CA ASN E 216 15.37 0.32 -11.31
C ASN E 216 14.00 -0.36 -11.15
N ASN E 217 13.32 -0.12 -10.03
CA ASN E 217 12.00 -0.72 -9.81
C ASN E 217 11.98 -2.27 -9.84
N ARG E 218 13.15 -2.91 -9.81
CA ARG E 218 13.22 -4.37 -9.83
C ARG E 218 13.29 -4.97 -8.42
N TRP E 219 12.87 -6.23 -8.28
CA TRP E 219 12.95 -6.93 -6.99
C TRP E 219 14.19 -7.79 -6.94
N TYR E 220 14.92 -7.70 -5.82
CA TYR E 220 16.14 -8.47 -5.63
C TYR E 220 16.07 -9.36 -4.39
N GLN E 221 16.61 -10.57 -4.49
CA GLN E 221 16.61 -11.44 -3.34
C GLN E 221 17.91 -11.22 -2.54
N MET E 222 17.82 -10.52 -1.42
CA MET E 222 19.00 -10.26 -0.59
C MET E 222 19.35 -11.43 0.31
N GLY E 223 18.32 -12.18 0.76
CA GLY E 223 18.59 -13.33 1.62
C GLY E 223 17.71 -14.56 1.44
N ILE E 224 18.03 -15.62 2.18
CA ILE E 224 17.28 -16.86 2.16
C ILE E 224 16.92 -17.09 3.63
N VAL E 225 15.66 -17.42 3.93
CA VAL E 225 15.29 -17.67 5.32
C VAL E 225 16.12 -18.86 5.85
N SER E 226 16.99 -18.61 6.81
CA SER E 226 17.82 -19.66 7.35
C SER E 226 17.34 -20.10 8.73
N ALA E 227 17.08 -19.15 9.59
CA ALA E 227 16.60 -19.45 10.93
C ALA E 227 15.66 -18.32 11.38
N GLY E 228 14.37 -18.49 11.08
CA GLY E 228 13.38 -17.50 11.48
C GLY E 228 13.22 -17.59 12.99
N ALA E 229 12.76 -16.53 13.64
CA ALA E 229 12.60 -16.58 15.09
C ALA E 229 11.20 -17.03 15.49
N GLY E 230 10.20 -16.57 14.75
CA GLY E 230 8.80 -16.89 15.03
C GLY E 230 8.43 -18.34 15.23
N CYS E 231 7.22 -18.57 15.71
CA CYS E 231 6.72 -19.92 15.98
C CYS E 231 7.74 -20.74 16.78
N GLY E 235 13.80 -9.60 21.14
CA GLY E 235 15.05 -10.21 21.56
C GLY E 235 15.54 -11.18 20.50
N LYS E 236 14.62 -11.86 19.85
CA LYS E 236 14.99 -12.81 18.82
C LYS E 236 14.72 -12.21 17.44
N TYR E 237 15.63 -12.48 16.53
CA TYR E 237 15.53 -12.01 15.15
C TYR E 237 15.76 -13.21 14.25
N GLY E 238 15.16 -13.20 13.06
CA GLY E 238 15.38 -14.28 12.13
C GLY E 238 16.72 -14.02 11.45
N PHE E 239 17.44 -15.09 11.14
CA PHE E 239 18.69 -14.94 10.45
C PHE E 239 18.52 -15.35 8.97
N TYR E 240 19.31 -14.73 8.10
CA TYR E 240 19.22 -14.99 6.68
C TYR E 240 20.57 -15.23 6.04
N THR E 241 20.62 -16.13 5.04
CA THR E 241 21.86 -16.37 4.32
C THR E 241 22.09 -15.12 3.47
N HIS E 242 23.29 -14.53 3.54
CA HIS E 242 23.63 -13.32 2.75
C HIS E 242 23.76 -13.76 1.30
N VAL E 243 22.75 -13.53 0.49
CA VAL E 243 22.84 -14.02 -0.90
C VAL E 243 23.99 -13.42 -1.71
N PHE E 244 24.16 -12.10 -1.65
CA PHE E 244 25.28 -11.52 -2.40
C PHE E 244 26.61 -12.13 -2.03
N ARG E 245 26.84 -12.36 -0.73
CA ARG E 245 28.08 -12.95 -0.26
C ARG E 245 28.31 -14.37 -0.79
N LEU E 246 27.27 -15.04 -1.26
CA LEU E 246 27.51 -16.37 -1.79
C LEU E 246 27.31 -16.40 -3.30
N LYS E 247 27.08 -15.22 -3.87
CA LYS E 247 26.82 -15.04 -5.30
C LYS E 247 27.89 -15.58 -6.21
N ARG E 248 29.07 -15.74 -5.66
CA ARG E 248 30.18 -16.25 -6.41
C ARG E 248 30.13 -17.77 -6.40
N TRP E 249 29.70 -18.35 -5.27
CA TRP E 249 29.62 -19.81 -5.18
C TRP E 249 28.47 -20.27 -6.07
N ILE E 250 27.47 -19.42 -6.21
CA ILE E 250 26.32 -19.72 -7.05
C ILE E 250 26.84 -19.78 -8.50
N GLN E 251 27.35 -18.64 -8.98
CA GLN E 251 27.93 -18.53 -10.33
C GLN E 251 28.83 -19.71 -10.61
N LYS E 252 29.66 -20.03 -9.64
CA LYS E 252 30.58 -21.13 -9.75
C LYS E 252 29.82 -22.38 -10.12
N VAL E 253 28.88 -22.76 -9.26
CA VAL E 253 28.05 -23.95 -9.44
C VAL E 253 27.32 -23.99 -10.78
N ILE E 254 26.65 -22.90 -11.13
CA ILE E 254 25.88 -22.86 -12.34
C ILE E 254 26.66 -22.93 -13.64
N ASP E 255 27.41 -21.86 -13.93
CA ASP E 255 28.15 -21.87 -15.17
C ASP E 255 29.08 -23.09 -15.25
N GLN E 256 29.25 -23.79 -14.12
CA GLN E 256 30.03 -25.01 -14.15
C GLN E 256 29.20 -26.26 -14.49
N PHE E 257 27.91 -26.25 -14.14
CA PHE E 257 27.02 -27.40 -14.40
C PHE E 257 25.72 -27.08 -15.10
N GLY E 258 25.50 -25.80 -15.43
CA GLY E 258 24.29 -25.43 -16.13
C GLY E 258 24.13 -26.23 -17.42
N LYS F 10 -4.45 -33.73 2.88
CA LYS F 10 -5.05 -32.36 2.91
C LYS F 10 -4.62 -31.59 1.68
N TYR F 11 -3.64 -32.12 0.95
CA TYR F 11 -3.17 -31.49 -0.29
C TYR F 11 -3.92 -32.15 -1.46
N GLU F 12 -4.66 -31.36 -2.22
CA GLU F 12 -5.34 -31.94 -3.36
C GLU F 12 -4.34 -32.63 -4.25
N PRO F 13 -4.72 -33.76 -4.85
CA PRO F 13 -3.76 -34.43 -5.73
C PRO F 13 -3.37 -33.43 -6.81
N PHE F 14 -2.11 -33.43 -7.20
CA PHE F 14 -1.64 -32.43 -8.17
C PHE F 14 -0.59 -33.00 -9.08
N TRP F 15 0.02 -34.07 -8.60
CA TRP F 15 1.11 -34.68 -9.32
C TRP F 15 0.72 -35.51 -10.52
N GLU F 16 1.45 -35.24 -11.60
CA GLU F 16 1.33 -35.83 -12.92
C GLU F 16 0.06 -35.60 -13.77
N ASP F 17 -0.25 -34.31 -13.97
CA ASP F 17 -1.30 -33.81 -14.89
C ASP F 17 -2.82 -33.48 -14.94
N GLU F 18 -3.25 -33.76 -16.19
CA GLU F 18 -4.50 -33.68 -17.01
C GLU F 18 -5.32 -32.44 -17.39
C1 NAG G . -23.46 37.79 -1.84
C2 NAG G . -25.00 37.97 -1.72
C3 NAG G . -25.40 39.13 -0.71
C4 NAG G . -24.50 39.19 0.59
C5 NAG G . -23.00 38.92 0.16
C6 NAG G . -21.85 38.93 1.17
C7 NAG G . -26.77 38.29 -3.50
C8 NAG G . -27.25 39.70 -3.89
N2 NAG G . -25.45 38.15 -3.13
O3 NAG G . -26.75 38.94 -0.28
O4 NAG G . -24.65 40.46 1.19
O5 NAG G . -23.00 37.63 -0.48
O6 NAG G . -22.01 37.76 1.99
O7 NAG G . -27.56 37.36 -3.53
C1 NAG H . 23.21 -39.04 3.60
C2 NAG H . 23.61 -39.68 2.25
C3 NAG H . 25.04 -40.35 2.25
C4 NAG H . 26.11 -39.56 3.07
C5 NAG H . 25.42 -39.00 4.38
C6 NAG H . 26.21 -38.20 5.39
C7 NAG H . 22.52 -41.46 0.83
C8 NAG H . 22.53 -42.97 1.09
N2 NAG H . 22.48 -40.60 1.91
O3 NAG H . 25.53 -40.41 0.90
O4 NAG H . 27.19 -40.43 3.37
O5 NAG H . 24.32 -38.17 3.94
O6 NAG H . 25.71 -36.85 5.35
O7 NAG H . 22.57 -41.05 -0.33
#